data_4ZNP
#
_entry.id   4ZNP
#
_cell.length_a   152.195
_cell.length_b   152.195
_cell.length_c   86.891
_cell.angle_alpha   90.00
_cell.angle_beta   90.00
_cell.angle_gamma   120.00
#
_symmetry.space_group_name_H-M   'P 62 2 2'
#
loop_
_entity.id
_entity.type
_entity.pdbx_description
1 polymer 'pfI Riboswitch'
2 non-polymer 'AMINOIMIDAZOLE 4-CARBOXAMIDE RIBONUCLEOTIDE'
3 non-polymer 'MAGNESIUM ION'
4 water water
#
_entity_poly.entity_id   1
_entity_poly.type   'polyribonucleotide'
_entity_poly.pdbx_seq_one_letter_code
;GGGAUACAGGACUGGCGGAUUAGUGGGAAACCACGUGGACUGUAUCCGAAAAAAAGCCGACCGCCUGGGCAUC
;
_entity_poly.pdbx_strand_id   A,B
#